data_4NDW
#
_entry.id   4NDW
#
_cell.length_a   83.890
_cell.length_b   83.890
_cell.length_c   130.750
_cell.angle_alpha   90.00
_cell.angle_beta   90.00
_cell.angle_gamma   120.00
#
_symmetry.space_group_name_H-M   'P 32 2 1'
#
_entity_poly.entity_id   1
_entity_poly.type   'polypeptide(L)'
_entity_poly.pdbx_seq_one_letter_code
;MGSSHHHHHHSSGLVPRGSHMMSTTFAARLNRLFDTVYPPGRGPHTSAEVIAALKAEGITMSAPYLSQLRSGNRTNPSGA
TMAALANFFRIKAAYFTDDEYYEKLDKELQWLCTMRDDGVRRIAQRAHGLPSAAQQKVLDRIDELRRAEGIDA
;
_entity_poly.pdbx_strand_id   A,B
#
# COMPACT_ATOMS: atom_id res chain seq x y z
N THR A 24 9.44 -20.94 -8.75
CA THR A 24 8.35 -20.26 -8.08
C THR A 24 7.29 -21.26 -7.58
N THR A 25 7.29 -21.50 -6.28
CA THR A 25 6.41 -22.48 -5.65
C THR A 25 5.87 -21.94 -4.34
N PHE A 26 4.64 -22.34 -3.99
CA PHE A 26 3.95 -21.93 -2.78
C PHE A 26 4.83 -21.46 -1.63
N ALA A 27 5.76 -22.31 -1.19
CA ALA A 27 6.67 -21.95 -0.12
C ALA A 27 7.35 -20.60 -0.39
N ALA A 28 7.58 -20.30 -1.67
CA ALA A 28 8.14 -19.02 -2.09
C ALA A 28 7.05 -17.97 -2.27
N ARG A 29 6.03 -18.29 -3.06
CA ARG A 29 4.87 -17.41 -3.24
C ARG A 29 4.28 -16.95 -1.91
N LEU A 30 4.34 -17.82 -0.90
CA LEU A 30 3.91 -17.41 0.42
C LEU A 30 5.00 -16.60 1.09
N ASN A 31 6.25 -16.92 0.78
CA ASN A 31 7.32 -16.11 1.31
C ASN A 31 7.45 -14.78 0.57
N ARG A 32 7.06 -14.76 -0.71
CA ARG A 32 7.08 -13.54 -1.49
C ARG A 32 6.11 -12.50 -0.91
N LEU A 33 5.04 -13.01 -0.31
CA LEU A 33 3.96 -12.17 0.23
C LEU A 33 4.27 -11.44 1.54
N PHE A 34 4.93 -12.13 2.48
CA PHE A 34 5.29 -11.51 3.73
C PHE A 34 6.18 -10.31 3.48
N ASP A 35 6.97 -10.37 2.40
CA ASP A 35 8.03 -9.40 2.14
C ASP A 35 7.64 -8.33 1.15
N THR A 36 6.42 -8.40 0.65
CA THR A 36 5.89 -7.31 -0.17
C THR A 36 4.67 -6.67 0.50
N VAL A 37 3.68 -7.49 0.87
CA VAL A 37 2.44 -6.99 1.47
C VAL A 37 2.51 -6.80 2.98
N TYR A 38 2.68 -5.54 3.39
CA TYR A 38 2.61 -5.18 4.79
C TYR A 38 2.12 -3.75 4.87
N PRO A 39 1.49 -3.39 5.99
CA PRO A 39 0.84 -2.11 6.22
C PRO A 39 1.86 -0.97 6.29
N PRO A 40 1.39 0.28 6.09
CA PRO A 40 2.19 1.50 6.19
C PRO A 40 2.83 1.72 7.57
N GLY A 41 4.03 2.30 7.57
CA GLY A 41 4.77 2.59 8.78
C GLY A 41 5.01 1.35 9.61
N ARG A 42 5.18 0.21 8.93
CA ARG A 42 5.22 -1.09 9.58
C ARG A 42 6.19 -2.04 8.88
N GLY A 43 6.76 -2.99 9.63
CA GLY A 43 7.57 -4.05 9.04
C GLY A 43 6.71 -5.12 8.40
N PRO A 44 7.33 -6.08 7.68
CA PRO A 44 6.62 -7.16 6.99
C PRO A 44 5.81 -7.95 7.97
N HIS A 45 4.82 -8.70 7.49
CA HIS A 45 3.90 -9.33 8.41
C HIS A 45 4.49 -10.54 9.14
N THR A 46 4.07 -10.78 10.38
CA THR A 46 4.58 -11.94 11.12
C THR A 46 3.65 -13.15 11.12
N SER A 47 4.24 -14.33 11.03
CA SER A 47 3.50 -15.59 11.00
C SER A 47 2.57 -15.67 12.18
N ALA A 48 3.09 -15.32 13.35
CA ALA A 48 2.32 -15.40 14.58
C ALA A 48 1.10 -14.50 14.53
N GLU A 49 1.32 -13.26 14.14
CA GLU A 49 0.25 -12.28 14.03
C GLU A 49 -0.65 -12.65 12.85
N VAL A 50 -0.15 -13.50 11.96
CA VAL A 50 -0.99 -14.06 10.91
C VAL A 50 -1.95 -15.11 11.50
N ILE A 51 -1.45 -15.93 12.41
CA ILE A 51 -2.26 -17.00 13.00
C ILE A 51 -3.35 -16.39 13.87
N ALA A 52 -2.92 -15.43 14.68
CA ALA A 52 -3.78 -14.79 15.67
C ALA A 52 -4.94 -14.07 15.00
N ALA A 53 -4.62 -13.38 13.91
CA ALA A 53 -5.55 -12.50 13.20
C ALA A 53 -6.66 -13.29 12.53
N LEU A 54 -6.34 -14.54 12.21
CA LEU A 54 -7.28 -15.45 11.60
C LEU A 54 -8.17 -15.98 12.69
N LYS A 55 -7.53 -16.39 13.78
CA LYS A 55 -8.23 -16.86 14.95
C LYS A 55 -9.31 -15.90 15.38
N ALA A 56 -9.05 -14.60 15.22
CA ALA A 56 -9.97 -13.56 15.65
C ALA A 56 -11.23 -13.55 14.82
N GLU A 57 -11.16 -14.11 13.63
CA GLU A 57 -12.33 -14.20 12.79
C GLU A 57 -13.21 -15.28 13.34
N GLY A 58 -12.59 -16.13 14.14
CA GLY A 58 -13.16 -17.39 14.55
C GLY A 58 -12.49 -18.49 13.74
N ILE A 59 -11.46 -18.12 12.99
CA ILE A 59 -10.80 -19.05 12.05
C ILE A 59 -9.48 -19.63 12.59
N THR A 60 -9.41 -20.94 12.70
CA THR A 60 -8.28 -21.58 13.39
C THR A 60 -7.24 -22.23 12.48
N MET A 61 -5.98 -22.13 12.88
CA MET A 61 -4.88 -22.68 12.10
C MET A 61 -3.59 -22.90 12.91
N SER A 62 -2.87 -23.97 12.61
CA SER A 62 -1.67 -24.34 13.37
C SER A 62 -0.48 -23.41 13.16
N ALA A 63 0.30 -23.22 14.21
CA ALA A 63 1.55 -22.49 14.10
C ALA A 63 2.59 -23.23 13.26
N PRO A 64 3.01 -24.45 13.68
CA PRO A 64 4.09 -25.06 12.90
C PRO A 64 3.67 -25.72 11.58
N TYR A 65 2.37 -25.88 11.36
CA TYR A 65 1.91 -26.29 10.05
C TYR A 65 2.43 -25.23 9.12
N LEU A 66 2.00 -24.00 9.39
CA LEU A 66 2.44 -22.85 8.62
C LEU A 66 3.96 -22.79 8.53
N SER A 67 4.63 -23.06 9.65
CA SER A 67 6.08 -22.95 9.68
C SER A 67 6.69 -23.89 8.67
N GLN A 68 6.24 -25.14 8.68
CA GLN A 68 6.74 -26.12 7.73
C GLN A 68 6.18 -25.76 6.36
N LEU A 69 5.00 -25.16 6.34
CA LEU A 69 4.40 -24.69 5.10
C LEU A 69 5.28 -23.68 4.39
N ARG A 70 5.86 -22.78 5.18
CA ARG A 70 6.75 -21.74 4.69
C ARG A 70 8.15 -22.31 4.40
N SER A 71 8.49 -23.39 5.10
CA SER A 71 9.75 -24.09 4.87
C SER A 71 9.60 -24.93 3.62
N GLY A 72 8.36 -25.27 3.33
CA GLY A 72 8.06 -26.19 2.24
C GLY A 72 8.15 -27.61 2.74
N ASN A 73 8.01 -27.77 4.06
CA ASN A 73 8.06 -29.09 4.66
C ASN A 73 6.68 -29.73 4.74
N ARG A 74 5.74 -29.13 4.01
CA ARG A 74 4.39 -29.66 3.83
C ARG A 74 3.63 -28.77 2.82
N THR A 75 3.72 -29.13 1.54
CA THR A 75 3.06 -28.39 0.45
C THR A 75 1.64 -28.87 0.16
N ASN A 76 1.10 -28.49 -1.00
CA ASN A 76 -0.26 -28.85 -1.42
C ASN A 76 -1.37 -28.73 -0.37
N PRO A 77 -1.62 -27.51 0.13
CA PRO A 77 -2.51 -27.32 1.27
C PRO A 77 -3.97 -27.23 0.87
N SER A 78 -4.85 -27.24 1.88
CA SER A 78 -6.28 -27.17 1.66
C SER A 78 -6.57 -26.07 0.67
N GLY A 79 -7.51 -26.30 -0.22
CA GLY A 79 -8.03 -25.22 -1.04
C GLY A 79 -8.44 -24.13 -0.07
N ALA A 80 -9.02 -24.54 1.05
CA ALA A 80 -9.52 -23.61 2.06
C ALA A 80 -8.37 -22.97 2.84
N THR A 81 -7.26 -23.68 2.98
CA THR A 81 -6.07 -23.13 3.65
C THR A 81 -5.55 -21.90 2.86
N MET A 82 -5.48 -22.04 1.53
CA MET A 82 -5.05 -20.96 0.66
C MET A 82 -5.95 -19.73 0.76
N ALA A 83 -7.25 -19.97 0.74
CA ALA A 83 -8.27 -18.92 0.84
C ALA A 83 -8.12 -18.03 2.08
N ALA A 84 -8.21 -18.66 3.26
CA ALA A 84 -8.13 -17.95 4.54
C ALA A 84 -6.86 -17.11 4.58
N LEU A 85 -5.82 -17.67 3.98
CA LEU A 85 -4.50 -17.06 3.94
C LEU A 85 -4.42 -15.86 2.99
N ALA A 86 -5.06 -15.96 1.83
CA ALA A 86 -5.12 -14.83 0.90
C ALA A 86 -5.95 -13.74 1.55
N ASN A 87 -7.10 -14.13 2.06
CA ASN A 87 -7.97 -13.27 2.85
C ASN A 87 -7.24 -12.37 3.86
N PHE A 88 -6.22 -12.91 4.53
CA PHE A 88 -5.45 -12.11 5.47
C PHE A 88 -4.68 -11.05 4.73
N PHE A 89 -3.93 -11.47 3.72
CA PHE A 89 -3.17 -10.53 2.92
C PHE A 89 -4.04 -9.64 2.04
N ARG A 90 -5.36 -9.85 2.09
CA ARG A 90 -6.33 -9.01 1.39
C ARG A 90 -6.21 -9.11 -0.15
N ILE A 91 -5.51 -10.14 -0.61
CA ILE A 91 -5.39 -10.43 -2.03
C ILE A 91 -6.29 -11.59 -2.46
N LYS A 92 -6.23 -11.91 -3.74
CA LYS A 92 -6.98 -13.04 -4.22
C LYS A 92 -6.17 -14.33 -4.06
N ALA A 93 -6.88 -15.46 -4.02
CA ALA A 93 -6.27 -16.75 -3.79
C ALA A 93 -5.51 -17.19 -5.04
N ALA A 94 -5.96 -16.70 -6.20
CA ALA A 94 -5.35 -17.05 -7.49
C ALA A 94 -3.85 -16.80 -7.55
N TYR A 95 -3.36 -15.90 -6.70
CA TYR A 95 -1.94 -15.59 -6.62
C TYR A 95 -1.08 -16.86 -6.51
N PHE A 96 -1.61 -17.89 -5.86
CA PHE A 96 -0.90 -19.17 -5.67
C PHE A 96 -1.13 -20.16 -6.80
N THR A 97 -2.34 -20.14 -7.35
CA THR A 97 -2.70 -21.06 -8.41
C THR A 97 -2.42 -20.40 -9.75
N ASP A 98 -3.03 -19.24 -9.95
CA ASP A 98 -2.98 -18.57 -11.22
C ASP A 98 -1.73 -17.72 -11.34
N ASP A 99 -0.93 -18.02 -12.35
CA ASP A 99 0.35 -17.35 -12.52
C ASP A 99 0.12 -16.06 -13.29
N GLU A 100 -0.99 -16.02 -14.02
CA GLU A 100 -1.38 -14.83 -14.75
C GLU A 100 -1.46 -13.66 -13.77
N TYR A 101 -2.33 -13.82 -12.79
CA TYR A 101 -2.54 -12.85 -11.72
C TYR A 101 -1.21 -12.60 -11.02
N TYR A 102 -0.45 -13.67 -10.83
CA TYR A 102 0.82 -13.56 -10.14
C TYR A 102 1.82 -12.62 -10.82
N GLU A 103 2.26 -12.96 -12.03
CA GLU A 103 3.25 -12.14 -12.73
C GLU A 103 2.75 -10.71 -12.84
N LYS A 104 1.45 -10.59 -13.10
CA LYS A 104 0.75 -9.30 -13.12
C LYS A 104 0.90 -8.58 -11.77
N LEU A 105 1.25 -9.35 -10.75
CA LEU A 105 1.55 -8.78 -9.46
C LEU A 105 3.03 -8.73 -9.17
N ASP A 106 3.65 -9.82 -8.70
CA ASP A 106 4.96 -9.67 -8.06
C ASP A 106 5.99 -8.81 -8.76
N LYS A 107 5.95 -8.74 -10.08
CA LYS A 107 6.83 -7.81 -10.77
C LYS A 107 6.39 -6.37 -10.54
N GLU A 108 5.08 -6.18 -10.46
CA GLU A 108 4.54 -4.87 -10.09
C GLU A 108 4.74 -4.69 -8.60
N LEU A 109 4.67 -5.78 -7.85
CA LEU A 109 4.99 -5.75 -6.42
C LEU A 109 6.49 -5.58 -6.30
N GLN A 110 7.22 -5.87 -7.37
CA GLN A 110 8.68 -5.70 -7.37
C GLN A 110 9.07 -4.25 -7.60
N TRP A 111 8.07 -3.38 -7.73
CA TRP A 111 8.29 -1.95 -7.98
C TRP A 111 8.98 -1.22 -6.81
N LEU A 112 8.79 -1.74 -5.60
CA LEU A 112 9.08 -0.97 -4.40
C LEU A 112 10.55 -0.68 -4.24
N CYS A 113 11.29 -1.66 -3.76
CA CYS A 113 12.73 -1.52 -3.52
C CYS A 113 13.52 -0.79 -4.63
N THR A 114 13.12 -0.99 -5.88
CA THR A 114 13.74 -0.28 -7.00
C THR A 114 13.25 1.16 -7.08
N MET A 115 12.01 1.37 -6.67
CA MET A 115 11.42 2.71 -6.63
C MET A 115 11.03 3.04 -5.18
N ARG A 116 12.01 3.00 -4.28
CA ARG A 116 11.83 3.31 -2.85
C ARG A 116 13.20 3.56 -2.24
N ASP A 117 13.36 4.72 -1.59
CA ASP A 117 14.61 5.07 -0.90
C ASP A 117 15.83 5.21 -1.84
N ASP A 118 15.60 5.38 -3.15
CA ASP A 118 16.69 5.40 -4.13
C ASP A 118 17.34 6.77 -4.37
N GLY A 119 16.68 7.84 -3.95
CA GLY A 119 17.01 9.18 -4.40
C GLY A 119 15.98 9.55 -5.45
N VAL A 120 15.65 8.55 -6.27
CA VAL A 120 14.50 8.56 -7.15
C VAL A 120 13.24 8.88 -6.33
N ARG A 121 13.25 8.46 -5.07
CA ARG A 121 12.23 8.82 -4.11
C ARG A 121 11.76 10.26 -4.27
N ARG A 122 12.69 11.21 -4.22
CA ARG A 122 12.37 12.62 -4.31
C ARG A 122 11.90 13.00 -5.72
N ILE A 123 12.66 12.57 -6.74
CA ILE A 123 12.27 12.74 -8.13
C ILE A 123 10.83 12.28 -8.34
N ALA A 124 10.48 11.14 -7.76
CA ALA A 124 9.15 10.58 -7.89
C ALA A 124 8.15 11.40 -7.09
N GLN A 125 8.53 11.81 -5.89
CA GLN A 125 7.57 12.51 -5.04
C GLN A 125 7.45 13.99 -5.36
N ARG A 126 8.49 14.58 -5.94
CA ARG A 126 8.36 15.94 -6.41
C ARG A 126 7.40 15.94 -7.58
N ALA A 127 7.63 14.99 -8.49
CA ALA A 127 6.93 14.93 -9.77
C ALA A 127 5.44 14.66 -9.67
N HIS A 128 4.98 14.34 -8.48
CA HIS A 128 3.59 13.94 -8.33
C HIS A 128 2.67 15.14 -8.44
N GLY A 129 3.01 16.19 -7.71
CA GLY A 129 2.29 17.43 -7.80
C GLY A 129 1.98 17.86 -9.22
N LEU A 130 2.91 17.60 -10.14
CA LEU A 130 2.84 18.16 -11.50
C LEU A 130 1.56 17.89 -12.25
N PRO A 131 1.22 18.83 -13.16
CA PRO A 131 0.12 18.64 -14.11
C PRO A 131 0.50 17.71 -15.25
N SER A 132 -0.53 17.24 -15.94
CA SER A 132 -0.41 16.20 -16.95
C SER A 132 0.63 16.58 -18.00
N ALA A 133 0.49 17.78 -18.53
CA ALA A 133 1.45 18.30 -19.49
C ALA A 133 2.87 18.33 -18.93
N ALA A 134 3.02 18.76 -17.68
CA ALA A 134 4.35 18.95 -17.07
C ALA A 134 5.12 17.64 -16.95
N GLN A 135 4.47 16.60 -16.41
CA GLN A 135 5.09 15.29 -16.31
C GLN A 135 5.67 14.85 -17.65
N GLN A 136 4.96 15.14 -18.73
CA GLN A 136 5.45 14.79 -20.06
C GLN A 136 6.76 15.49 -20.36
N LYS A 137 6.82 16.81 -20.13
CA LYS A 137 8.05 17.58 -20.33
C LYS A 137 9.23 16.92 -19.61
N VAL A 138 8.91 16.22 -18.52
CA VAL A 138 9.92 15.53 -17.72
C VAL A 138 10.29 14.21 -18.37
N LEU A 139 9.28 13.53 -18.89
CA LEU A 139 9.54 12.35 -19.70
C LEU A 139 10.44 12.69 -20.87
N ASP A 140 10.18 13.86 -21.46
CA ASP A 140 10.96 14.35 -22.58
C ASP A 140 12.37 14.65 -22.15
N ARG A 141 12.49 15.33 -21.02
CA ARG A 141 13.78 15.74 -20.49
C ARG A 141 14.71 14.54 -20.22
N ILE A 142 14.12 13.39 -19.89
CA ILE A 142 14.88 12.17 -19.61
C ILE A 142 15.59 11.60 -20.84
N ASP A 143 14.84 11.46 -21.93
CA ASP A 143 15.40 11.00 -23.19
C ASP A 143 16.46 11.99 -23.69
N GLU A 144 16.27 13.27 -23.39
CA GLU A 144 17.28 14.31 -23.67
C GLU A 144 18.58 13.99 -22.94
N LEU A 145 18.46 13.28 -21.82
CA LEU A 145 19.60 12.92 -20.96
C LEU A 145 20.14 11.54 -21.27
N ARG A 146 19.24 10.62 -21.64
CA ARG A 146 19.64 9.30 -22.08
C ARG A 146 20.45 9.41 -23.36
N ARG A 147 19.94 10.23 -24.28
CA ARG A 147 20.62 10.55 -25.53
C ARG A 147 22.05 11.02 -25.30
N ALA A 148 22.27 11.75 -24.22
CA ALA A 148 23.61 12.24 -23.90
C ALA A 148 24.56 11.09 -23.55
N GLU A 149 24.02 9.88 -23.40
CA GLU A 149 24.82 8.68 -23.11
C GLU A 149 24.81 7.70 -24.28
N GLY A 150 23.60 7.35 -24.70
CA GLY A 150 23.38 6.45 -25.81
C GLY A 150 21.95 5.95 -25.80
N ILE A 151 21.13 6.47 -26.73
CA ILE A 151 19.77 5.99 -26.99
C ILE A 151 19.12 6.76 -28.14
N THR B 24 -7.74 17.03 9.64
CA THR B 24 -7.44 16.39 10.91
C THR B 24 -8.69 16.26 11.82
N THR B 25 -9.89 16.48 11.26
CA THR B 25 -11.12 16.03 11.92
C THR B 25 -11.05 14.53 12.01
N PHE B 26 -12.13 13.94 12.48
CA PHE B 26 -12.13 12.51 12.47
C PHE B 26 -12.34 11.99 11.04
N ALA B 27 -13.45 12.40 10.43
CA ALA B 27 -13.80 12.05 9.06
C ALA B 27 -12.69 12.37 8.08
N ALA B 28 -11.92 13.41 8.39
CA ALA B 28 -10.80 13.77 7.54
C ALA B 28 -9.78 12.64 7.49
N ARG B 29 -9.16 12.33 8.63
CA ARG B 29 -8.11 11.33 8.71
C ARG B 29 -8.63 9.94 8.37
N LEU B 30 -9.92 9.75 8.63
CA LEU B 30 -10.60 8.51 8.32
C LEU B 30 -10.61 8.26 6.82
N ASN B 31 -11.32 9.12 6.10
CA ASN B 31 -11.39 9.05 4.66
C ASN B 31 -10.00 8.99 4.07
N ARG B 32 -9.07 9.67 4.71
CA ARG B 32 -7.67 9.64 4.29
C ARG B 32 -7.26 8.19 4.06
N LEU B 33 -7.36 7.38 5.12
CA LEU B 33 -7.15 5.95 5.04
C LEU B 33 -7.91 5.35 3.87
N PHE B 34 -9.23 5.53 3.89
CA PHE B 34 -10.08 5.02 2.84
C PHE B 34 -9.62 5.26 1.40
N ASP B 35 -8.69 6.19 1.19
CA ASP B 35 -8.31 6.61 -0.15
C ASP B 35 -6.85 6.31 -0.48
N THR B 36 -6.10 5.87 0.52
CA THR B 36 -4.67 5.61 0.32
C THR B 36 -4.23 4.19 0.68
N VAL B 37 -4.94 3.56 1.62
CA VAL B 37 -4.56 2.20 2.07
C VAL B 37 -5.51 1.12 1.53
N TYR B 38 -5.01 0.32 0.61
CA TYR B 38 -5.78 -0.78 0.05
C TYR B 38 -4.91 -1.75 -0.74
N PRO B 39 -5.35 -3.03 -0.81
CA PRO B 39 -4.66 -4.13 -1.48
C PRO B 39 -4.37 -3.84 -2.95
N PRO B 40 -3.20 -4.28 -3.41
CA PRO B 40 -2.73 -4.22 -4.79
C PRO B 40 -3.68 -4.86 -5.79
N GLY B 41 -3.49 -4.56 -7.07
CA GLY B 41 -4.35 -5.04 -8.13
C GLY B 41 -5.81 -4.69 -7.87
N ARG B 42 -6.02 -3.68 -7.05
CA ARG B 42 -7.31 -3.53 -6.44
C ARG B 42 -7.52 -2.09 -5.94
N GLY B 43 -8.78 -1.66 -5.94
CA GLY B 43 -9.14 -0.33 -5.48
C GLY B 43 -9.31 -0.30 -3.96
N PRO B 44 -9.74 0.84 -3.41
CA PRO B 44 -9.95 0.97 -1.96
C PRO B 44 -11.13 0.16 -1.44
N HIS B 45 -11.16 -0.07 -0.14
CA HIS B 45 -12.24 -0.85 0.44
C HIS B 45 -13.48 0.01 0.44
N THR B 46 -14.65 -0.64 0.36
CA THR B 46 -15.91 0.07 0.53
C THR B 46 -16.18 0.21 2.03
N SER B 47 -17.13 1.07 2.38
CA SER B 47 -17.57 1.20 3.77
C SER B 47 -18.14 -0.14 4.27
N ALA B 48 -18.97 -0.76 3.42
CA ALA B 48 -19.59 -2.05 3.72
C ALA B 48 -18.56 -3.18 3.78
N GLU B 49 -17.44 -3.00 3.08
CA GLU B 49 -16.34 -3.96 3.12
C GLU B 49 -15.69 -3.91 4.48
N VAL B 50 -15.67 -2.72 5.04
CA VAL B 50 -15.19 -2.51 6.40
C VAL B 50 -16.18 -3.07 7.39
N ILE B 51 -17.44 -2.62 7.27
CA ILE B 51 -18.54 -3.14 8.09
C ILE B 51 -18.52 -4.67 8.11
N ALA B 52 -18.33 -5.26 6.92
CA ALA B 52 -18.19 -6.70 6.75
C ALA B 52 -17.13 -7.30 7.66
N ALA B 53 -15.90 -6.81 7.50
CA ALA B 53 -14.79 -7.26 8.31
C ALA B 53 -15.07 -7.05 9.79
N LEU B 54 -15.89 -6.04 10.09
CA LEU B 54 -16.19 -5.72 11.49
C LEU B 54 -17.09 -6.77 12.13
N LYS B 55 -18.00 -7.36 11.35
CA LYS B 55 -18.82 -8.45 11.86
C LYS B 55 -18.03 -9.75 11.88
N ALA B 56 -17.02 -9.82 11.01
CA ALA B 56 -16.16 -11.00 10.87
C ALA B 56 -15.23 -11.19 12.06
N GLU B 57 -15.18 -10.20 12.95
CA GLU B 57 -14.42 -10.31 14.17
C GLU B 57 -15.39 -10.06 15.32
N GLY B 58 -16.66 -10.02 14.97
CA GLY B 58 -17.74 -9.69 15.89
C GLY B 58 -17.73 -8.25 16.38
N ILE B 59 -18.07 -7.30 15.51
CA ILE B 59 -18.28 -5.90 15.94
C ILE B 59 -19.53 -5.29 15.31
N THR B 60 -20.50 -4.99 16.17
CA THR B 60 -21.73 -4.35 15.74
C THR B 60 -21.56 -2.83 15.59
N MET B 61 -21.17 -2.42 14.39
CA MET B 61 -21.24 -1.02 14.04
C MET B 61 -22.20 -0.92 12.88
N SER B 62 -23.20 -0.06 13.01
CA SER B 62 -24.15 0.17 11.94
C SER B 62 -23.44 0.77 10.73
N ALA B 63 -23.76 0.24 9.55
CA ALA B 63 -23.26 0.79 8.29
C ALA B 63 -23.54 2.29 8.09
N PRO B 64 -24.73 2.78 8.52
CA PRO B 64 -24.88 4.22 8.47
C PRO B 64 -23.91 4.88 9.43
N TYR B 65 -23.69 4.29 10.60
CA TYR B 65 -22.77 4.88 11.56
C TYR B 65 -21.37 5.08 10.98
N LEU B 66 -21.02 4.33 9.94
CA LEU B 66 -19.83 4.70 9.19
C LEU B 66 -20.09 6.00 8.41
N SER B 67 -21.13 6.00 7.58
CA SER B 67 -21.48 7.16 6.74
C SER B 67 -21.54 8.50 7.47
N GLN B 68 -22.32 8.54 8.56
CA GLN B 68 -22.54 9.77 9.31
C GLN B 68 -21.22 10.30 9.86
N LEU B 69 -20.28 9.39 10.08
CA LEU B 69 -18.98 9.74 10.62
C LEU B 69 -17.99 10.18 9.54
N ARG B 70 -18.12 9.56 8.36
CA ARG B 70 -17.32 9.93 7.19
C ARG B 70 -17.75 11.30 6.62
N SER B 71 -19.07 11.51 6.53
CA SER B 71 -19.64 12.81 6.23
C SER B 71 -19.27 13.80 7.33
N GLY B 72 -19.81 13.58 8.53
CA GLY B 72 -19.41 14.36 9.68
C GLY B 72 -20.53 14.73 10.63
N ASN B 73 -21.68 14.06 10.48
CA ASN B 73 -22.91 14.44 11.18
C ASN B 73 -22.80 14.53 12.72
N ARG B 74 -22.00 13.65 13.30
CA ARG B 74 -21.60 13.78 14.69
C ARG B 74 -20.23 13.12 14.87
N THR B 75 -19.19 13.95 14.77
CA THR B 75 -17.82 13.50 15.00
C THR B 75 -17.59 13.16 16.49
N ASN B 76 -16.32 13.10 16.90
CA ASN B 76 -15.92 12.63 18.23
C ASN B 76 -16.53 11.28 18.59
N PRO B 77 -15.87 10.18 18.17
CA PRO B 77 -16.29 8.81 18.45
C PRO B 77 -15.48 8.21 19.59
N SER B 78 -15.97 7.09 20.13
CA SER B 78 -15.35 6.48 21.30
C SER B 78 -14.12 5.71 20.87
N GLY B 79 -13.27 5.41 21.84
CA GLY B 79 -12.04 4.67 21.59
C GLY B 79 -12.22 3.30 20.94
N ALA B 80 -13.19 2.52 21.41
CA ALA B 80 -13.47 1.23 20.80
C ALA B 80 -13.85 1.54 19.36
N THR B 81 -14.82 2.42 19.21
CA THR B 81 -15.30 2.89 17.91
C THR B 81 -14.15 3.38 17.02
N MET B 82 -13.07 3.86 17.63
CA MET B 82 -11.87 4.31 16.93
C MET B 82 -10.83 3.20 16.71
N ALA B 83 -10.63 2.38 17.75
CA ALA B 83 -9.60 1.37 17.72
C ALA B 83 -9.94 0.25 16.75
N ALA B 84 -11.24 0.07 16.53
CA ALA B 84 -11.75 -0.93 15.62
C ALA B 84 -11.20 -0.75 14.21
N LEU B 85 -11.40 0.47 13.70
CA LEU B 85 -11.13 0.77 12.31
C LEU B 85 -9.72 1.23 12.14
N ALA B 86 -9.03 1.51 13.24
CA ALA B 86 -7.60 1.64 13.17
C ALA B 86 -7.03 0.24 12.92
N ASN B 87 -7.48 -0.72 13.74
CA ASN B 87 -6.97 -2.10 13.64
C ASN B 87 -7.41 -2.75 12.37
N PHE B 88 -8.46 -2.20 11.75
CA PHE B 88 -8.93 -2.72 10.48
C PHE B 88 -7.90 -2.43 9.42
N PHE B 89 -7.51 -1.17 9.32
CA PHE B 89 -6.58 -0.78 8.27
C PHE B 89 -5.20 -1.32 8.64
N ARG B 90 -5.07 -1.75 9.88
CA ARG B 90 -3.83 -2.31 10.44
C ARG B 90 -2.79 -1.25 10.63
N ILE B 91 -3.24 -0.14 11.20
CA ILE B 91 -2.36 0.89 11.71
C ILE B 91 -2.78 1.22 13.13
N LYS B 92 -1.97 1.97 13.84
CA LYS B 92 -2.25 2.24 15.24
C LYS B 92 -3.16 3.45 15.36
N ALA B 93 -4.04 3.43 16.36
CA ALA B 93 -5.03 4.48 16.55
C ALA B 93 -4.43 5.80 17.06
N ALA B 94 -3.12 5.80 17.32
CA ALA B 94 -2.42 7.04 17.62
C ALA B 94 -2.57 7.98 16.43
N TYR B 95 -2.73 7.40 15.25
CA TYR B 95 -3.03 8.16 14.04
C TYR B 95 -4.17 9.13 14.28
N PHE B 96 -5.25 8.61 14.85
CA PHE B 96 -6.46 9.37 15.05
C PHE B 96 -6.34 10.38 16.17
N THR B 97 -5.67 9.99 17.24
CA THR B 97 -5.56 10.83 18.43
C THR B 97 -4.37 11.76 18.34
N ASP B 98 -3.18 11.17 18.34
CA ASP B 98 -1.98 11.97 18.33
C ASP B 98 -1.83 12.68 16.99
N ASP B 99 -1.89 14.00 17.06
CA ASP B 99 -1.76 14.85 15.87
C ASP B 99 -0.39 14.65 15.22
N GLU B 100 0.58 14.18 15.98
CA GLU B 100 1.94 14.03 15.45
C GLU B 100 2.14 12.74 14.65
N TYR B 101 1.66 11.63 15.19
CA TYR B 101 1.78 10.35 14.53
C TYR B 101 1.05 10.43 13.21
N TYR B 102 -0.06 11.16 13.22
CA TYR B 102 -0.77 11.51 12.01
C TYR B 102 0.26 12.02 11.01
N GLU B 103 1.15 12.89 11.47
CA GLU B 103 2.14 13.45 10.57
C GLU B 103 3.38 12.60 10.42
N LYS B 104 3.70 11.84 11.46
CA LYS B 104 4.76 10.85 11.39
C LYS B 104 4.41 9.83 10.31
N LEU B 105 3.11 9.54 10.22
CA LEU B 105 2.62 8.58 9.25
C LEU B 105 2.47 9.21 7.87
N ASP B 106 1.46 10.06 7.74
CA ASP B 106 0.99 10.64 6.48
C ASP B 106 2.02 10.75 5.34
N LYS B 107 3.28 10.95 5.71
CA LYS B 107 4.40 10.89 4.78
C LYS B 107 4.35 9.63 3.93
N GLU B 108 4.59 8.49 4.56
CA GLU B 108 4.53 7.18 3.89
C GLU B 108 3.15 6.97 3.34
N LEU B 109 2.16 7.46 4.08
CA LEU B 109 0.78 7.33 3.67
C LEU B 109 0.49 8.11 2.38
N GLN B 110 0.96 9.35 2.32
CA GLN B 110 0.89 10.11 1.07
C GLN B 110 1.72 9.39 0.02
N TRP B 111 2.99 9.11 0.36
CA TRP B 111 3.91 8.36 -0.47
C TRP B 111 3.26 7.23 -1.27
N LEU B 112 2.23 6.62 -0.70
CA LEU B 112 1.49 5.54 -1.36
C LEU B 112 0.74 6.04 -2.56
N CYS B 113 -0.13 7.01 -2.34
CA CYS B 113 -0.93 7.55 -3.43
C CYS B 113 -0.05 8.23 -4.47
N THR B 114 1.20 8.50 -4.09
CA THR B 114 2.21 8.94 -5.05
C THR B 114 2.48 7.85 -6.09
N MET B 115 2.86 6.66 -5.63
CA MET B 115 3.35 5.61 -6.52
C MET B 115 2.25 4.83 -7.24
N ARG B 116 1.00 5.22 -7.01
CA ARG B 116 -0.12 4.66 -7.75
C ARG B 116 -0.35 5.48 -9.00
N ASP B 117 0.41 6.57 -9.10
CA ASP B 117 0.33 7.48 -10.24
C ASP B 117 1.28 7.07 -11.35
N ASP B 118 0.69 6.60 -12.45
CA ASP B 118 1.39 6.47 -13.72
C ASP B 118 1.72 7.88 -14.14
N GLY B 119 2.89 8.05 -14.75
CA GLY B 119 3.45 9.37 -14.91
C GLY B 119 4.60 9.39 -13.94
N VAL B 120 4.28 9.43 -12.66
CA VAL B 120 5.30 9.33 -11.63
C VAL B 120 5.97 7.96 -11.74
N ARG B 121 5.17 6.96 -12.09
CA ARG B 121 5.68 5.63 -12.38
C ARG B 121 6.62 5.66 -13.58
N ARG B 122 6.08 6.10 -14.71
CA ARG B 122 6.81 6.20 -15.96
C ARG B 122 8.13 6.93 -15.75
N ILE B 123 8.04 8.11 -15.13
CA ILE B 123 9.21 8.92 -14.80
C ILE B 123 10.22 8.11 -13.99
N ALA B 124 9.79 7.63 -12.83
CA ALA B 124 10.64 6.80 -11.99
C ALA B 124 11.29 5.68 -12.79
N GLN B 125 10.48 5.00 -13.60
CA GLN B 125 10.99 3.94 -14.45
C GLN B 125 12.11 4.43 -15.36
N ARG B 126 11.82 5.43 -16.18
CA ARG B 126 12.82 5.93 -17.14
C ARG B 126 14.09 6.41 -16.43
N ALA B 127 13.93 7.27 -15.44
CA ALA B 127 15.06 7.94 -14.80
C ALA B 127 15.82 7.00 -13.87
N HIS B 128 15.42 5.73 -13.87
CA HIS B 128 16.03 4.76 -12.97
C HIS B 128 17.40 4.31 -13.46
N GLY B 129 17.70 4.56 -14.72
CA GLY B 129 18.96 4.13 -15.33
C GLY B 129 20.00 5.20 -15.59
N LEU B 130 19.69 6.45 -15.29
CA LEU B 130 20.65 7.53 -15.46
C LEU B 130 21.59 7.55 -14.27
N PRO B 131 22.80 8.09 -14.43
CA PRO B 131 23.67 8.27 -13.26
C PRO B 131 23.05 9.22 -12.25
N SER B 132 23.54 9.19 -11.02
CA SER B 132 23.10 10.14 -10.01
C SER B 132 23.23 11.54 -10.57
N ALA B 133 24.40 11.83 -11.13
CA ALA B 133 24.68 13.12 -11.73
C ALA B 133 23.61 13.56 -12.72
N ALA B 134 23.17 12.64 -13.59
CA ALA B 134 22.16 12.98 -14.59
C ALA B 134 20.77 12.92 -14.01
N GLN B 135 20.58 12.10 -12.99
CA GLN B 135 19.27 12.01 -12.37
C GLN B 135 18.98 13.27 -11.58
N GLN B 136 20.03 13.99 -11.24
CA GLN B 136 19.86 15.23 -10.49
C GLN B 136 19.27 16.32 -11.36
N LYS B 137 19.79 16.44 -12.58
CA LYS B 137 19.29 17.41 -13.55
C LYS B 137 17.80 17.25 -13.72
N VAL B 138 17.35 15.99 -13.70
CA VAL B 138 15.94 15.62 -13.73
C VAL B 138 15.25 16.25 -12.55
N LEU B 139 15.80 15.97 -11.38
CA LEU B 139 15.31 16.55 -10.16
C LEU B 139 15.26 18.07 -10.32
N ASP B 140 16.35 18.65 -10.84
CA ASP B 140 16.42 20.10 -11.01
C ASP B 140 15.44 20.62 -12.05
N ARG B 141 15.23 19.81 -13.08
CA ARG B 141 14.30 20.13 -14.15
C ARG B 141 12.90 20.09 -13.62
N ILE B 142 12.69 19.17 -12.69
CA ILE B 142 11.41 19.02 -12.04
C ILE B 142 11.05 20.35 -11.36
N ASP B 143 12.01 20.88 -10.62
CA ASP B 143 11.85 22.10 -9.86
C ASP B 143 11.45 23.25 -10.77
N GLU B 144 12.12 23.35 -11.91
CA GLU B 144 11.84 24.35 -12.93
C GLU B 144 10.39 24.39 -13.31
N LEU B 145 9.69 23.27 -13.20
CA LEU B 145 8.34 23.16 -13.72
C LEU B 145 7.27 23.44 -12.66
N ARG B 146 7.58 23.13 -11.40
CA ARG B 146 6.66 23.45 -10.30
C ARG B 146 6.63 24.95 -10.08
N ARG B 147 7.82 25.54 -10.16
CA ARG B 147 7.95 26.98 -10.10
C ARG B 147 7.12 27.54 -11.23
N ALA B 148 7.30 26.97 -12.41
CA ALA B 148 6.63 27.40 -13.63
C ALA B 148 5.11 27.25 -13.62
N GLU B 149 4.57 26.51 -12.65
CA GLU B 149 3.15 26.24 -12.59
C GLU B 149 2.54 26.97 -11.42
N GLY B 150 3.40 27.61 -10.64
CA GLY B 150 2.94 28.26 -9.43
C GLY B 150 2.71 27.23 -8.34
N ILE B 151 3.19 26.01 -8.56
CA ILE B 151 3.19 25.03 -7.48
C ILE B 151 4.16 25.54 -6.42
N ASP B 152 5.28 26.08 -6.89
CA ASP B 152 6.28 26.75 -6.05
C ASP B 152 6.44 28.21 -6.48
#